data_5I0B
#
_entry.id   5I0B
#
_cell.length_a   62.986
_cell.length_b   62.986
_cell.length_c   187.111
_cell.angle_alpha   90.00
_cell.angle_beta   90.00
_cell.angle_gamma   90.00
#
_symmetry.space_group_name_H-M   'P 41 21 2'
#
loop_
_entity.id
_entity.type
_entity.pdbx_description
1 polymer 'Serine/threonine-protein kinase PAK 4'
2 non-polymer 6-bromo-2-[1-methyl-3-(propan-2-yl)-1H-pyrazol-4-yl]-1H-imidazo[4,5-b]pyridine
#
_entity_poly.entity_id   1
_entity_poly.type   'polypeptide(L)'
_entity_poly.pdbx_seq_one_letter_code
;GSHMSHEQFRAALQLVVDPGDPRSYLDNFIKIGEGSTGIVCIATVRSSGKLVAVKKMDLRKQQRRELLFNEVVIMRDYQH
ENVVEMYNSYLVGDELWVVMEFLEGGALTDIVTHTRMNEEQIAAVCLAVLQALSVLHAQGVIHRDIKSDSILLTHDGRVK
LSDFGFCAQVSKEVPRRK(SEP)LVGTPYWMAPELISRLPYGPEVDIWSLGIMVIEMVDGEPPYFNEPPLKAMKMIRDNL
PPRLKNLHKVSPSLKGFLDRLLVRDPAQRATAAELLKHPFLAKAGPPASIVPLMRQNRTR
;
_entity_poly.pdbx_strand_id   A
#
# COMPACT_ATOMS: atom_id res chain seq x y z
N HIS A 6 -4.62 -20.40 18.98
CA HIS A 6 -3.25 -19.87 18.93
C HIS A 6 -2.37 -21.04 18.87
N GLU A 7 -2.66 -21.92 19.78
CA GLU A 7 -1.88 -23.09 20.05
C GLU A 7 -1.77 -23.81 18.71
N GLN A 8 -2.88 -23.81 18.00
CA GLN A 8 -3.05 -24.41 16.72
C GLN A 8 -2.66 -23.50 15.62
N PHE A 9 -2.91 -22.21 15.79
CA PHE A 9 -2.62 -21.24 14.74
C PHE A 9 -1.11 -20.99 14.54
N ARG A 10 -0.33 -20.99 15.62
CA ARG A 10 1.13 -20.91 15.52
C ARG A 10 1.71 -22.08 14.71
N ALA A 11 1.19 -23.27 15.04
CA ALA A 11 1.52 -24.51 14.36
C ALA A 11 1.30 -24.41 12.84
N ALA A 12 0.24 -23.74 12.41
CA ALA A 12 -0.02 -23.59 10.98
C ALA A 12 0.97 -22.64 10.29
N LEU A 13 1.10 -21.43 10.83
CA LEU A 13 2.06 -20.48 10.34
C LEU A 13 3.45 -21.07 10.30
N GLN A 14 3.83 -21.86 11.30
CA GLN A 14 5.10 -22.58 11.20
C GLN A 14 5.31 -23.26 9.83
N LEU A 15 4.23 -23.79 9.26
CA LEU A 15 4.31 -24.64 8.06
C LEU A 15 4.29 -23.87 6.76
N VAL A 16 4.08 -22.55 6.81
CA VAL A 16 4.12 -21.69 5.59
C VAL A 16 5.38 -20.86 5.49
N VAL A 17 5.94 -20.54 6.66
CA VAL A 17 7.15 -19.74 6.74
C VAL A 17 8.36 -20.64 6.60
N ASP A 18 9.49 -20.04 6.32
CA ASP A 18 10.74 -20.76 6.27
C ASP A 18 11.05 -21.13 7.70
N PRO A 19 11.67 -22.30 7.90
CA PRO A 19 12.00 -22.71 9.26
C PRO A 19 13.24 -21.94 9.67
N GLY A 20 13.55 -22.01 10.95
CA GLY A 20 14.77 -21.41 11.44
C GLY A 20 14.54 -20.03 11.99
N ASP A 21 15.66 -19.36 12.23
CA ASP A 21 15.71 -18.14 13.00
C ASP A 21 16.60 -17.17 12.23
N PRO A 22 16.04 -16.00 11.86
CA PRO A 22 16.81 -15.02 11.12
C PRO A 22 17.94 -14.47 11.95
N ARG A 23 17.79 -14.52 13.25
CA ARG A 23 18.78 -13.96 14.10
C ARG A 23 20.08 -14.63 13.78
N SER A 24 20.03 -15.84 13.25
CA SER A 24 21.23 -16.54 12.91
C SER A 24 22.02 -15.74 11.89
N TYR A 25 21.37 -15.12 10.92
CA TYR A 25 22.16 -14.40 9.93
C TYR A 25 22.09 -12.92 9.96
N LEU A 26 21.32 -12.37 10.88
CA LEU A 26 21.08 -10.95 10.89
C LEU A 26 21.64 -10.33 12.13
N ASP A 27 22.16 -9.12 11.98
CA ASP A 27 22.77 -8.42 13.08
C ASP A 27 22.31 -6.99 13.09
N ASN A 28 22.42 -6.35 14.23
CA ASN A 28 22.26 -4.92 14.37
C ASN A 28 20.92 -4.40 13.98
N PHE A 29 19.93 -4.88 14.71
CA PHE A 29 18.52 -4.55 14.53
C PHE A 29 18.20 -3.13 14.92
N ILE A 30 17.31 -2.48 14.19
CA ILE A 30 16.89 -1.12 14.52
C ILE A 30 15.45 -0.94 14.15
N LYS A 31 14.64 -0.64 15.16
CA LYS A 31 13.28 -0.21 14.97
C LYS A 31 13.32 1.07 14.15
N ILE A 32 12.53 1.13 13.08
CA ILE A 32 12.45 2.33 12.26
C ILE A 32 10.99 2.72 12.06
N GLY A 33 10.09 1.98 12.71
CA GLY A 33 8.69 2.21 12.45
C GLY A 33 7.69 1.38 13.23
N GLU A 34 6.43 1.64 12.88
CA GLU A 34 5.30 1.11 13.59
C GLU A 34 4.13 1.23 12.65
N GLY A 35 3.52 0.07 12.35
CA GLY A 35 2.21 0.02 11.70
C GLY A 35 1.21 -0.33 12.79
N SER A 36 0.04 -0.80 12.36
CA SER A 36 -1.08 -1.18 13.26
C SER A 36 -1.00 -2.58 13.87
N THR A 37 -0.11 -3.42 13.34
CA THR A 37 -0.04 -4.87 13.69
C THR A 37 1.29 -5.32 14.31
N GLY A 38 2.33 -4.53 14.06
CA GLY A 38 3.61 -4.73 14.71
C GLY A 38 4.52 -3.58 14.36
N ILE A 39 5.83 -3.83 14.35
CA ILE A 39 6.79 -2.79 14.10
C ILE A 39 7.56 -3.08 12.81
N VAL A 40 8.40 -2.13 12.41
CA VAL A 40 9.36 -2.39 11.34
C VAL A 40 10.81 -2.10 11.78
N CYS A 41 11.66 -3.12 11.65
CA CYS A 41 13.05 -2.97 11.97
C CYS A 41 13.81 -2.97 10.68
N ILE A 42 15.06 -2.52 10.75
CA ILE A 42 16.02 -2.84 9.69
C ILE A 42 17.18 -3.60 10.31
N ALA A 43 17.90 -4.32 9.47
CA ALA A 43 18.93 -5.19 9.98
C ALA A 43 19.92 -5.47 8.89
N THR A 44 21.07 -5.96 9.29
CA THR A 44 22.19 -6.14 8.43
C THR A 44 22.50 -7.60 8.39
N VAL A 45 22.73 -8.12 7.21
CA VAL A 45 23.07 -9.50 7.02
C VAL A 45 24.56 -9.61 7.12
N ARG A 46 25.05 -10.41 8.08
CA ARG A 46 26.47 -10.40 8.39
C ARG A 46 27.34 -10.81 7.26
N SER A 47 26.99 -11.85 6.55
CA SER A 47 27.67 -12.16 5.32
C SER A 47 27.24 -11.06 4.43
N SER A 48 28.05 -10.59 3.53
CA SER A 48 27.59 -9.62 2.54
C SER A 48 27.38 -8.21 3.08
N GLY A 49 26.66 -8.08 4.15
CA GLY A 49 26.44 -6.78 4.74
C GLY A 49 25.29 -5.97 4.19
N LYS A 50 24.46 -6.59 3.38
CA LYS A 50 23.30 -5.97 2.82
C LYS A 50 22.27 -5.73 3.87
N LEU A 51 21.49 -4.69 3.66
CA LEU A 51 20.44 -4.26 4.57
C LEU A 51 19.10 -4.89 4.21
N VAL A 52 18.30 -5.21 5.22
CA VAL A 52 16.97 -5.73 4.96
C VAL A 52 15.97 -5.07 5.88
N ALA A 53 14.72 -5.00 5.45
CA ALA A 53 13.68 -4.61 6.37
C ALA A 53 13.00 -5.87 6.92
N VAL A 54 12.66 -5.81 8.20
CA VAL A 54 11.97 -6.89 8.87
C VAL A 54 10.66 -6.34 9.47
N LYS A 55 9.54 -6.91 9.06
CA LYS A 55 8.24 -6.62 9.65
C LYS A 55 8.04 -7.62 10.80
N LYS A 56 7.71 -7.16 11.99
CA LYS A 56 7.57 -8.09 13.11
C LYS A 56 6.21 -7.88 13.68
N MET A 57 5.36 -8.92 13.63
CA MET A 57 3.99 -8.86 14.14
C MET A 57 3.78 -9.86 15.26
N ASP A 58 3.13 -9.43 16.34
CA ASP A 58 2.85 -10.34 17.46
C ASP A 58 1.62 -11.17 17.17
N LEU A 59 1.74 -12.48 17.38
CA LEU A 59 0.63 -13.43 17.11
C LEU A 59 -0.54 -13.28 18.08
N ARG A 60 -0.22 -12.91 19.32
CA ARG A 60 -1.18 -12.77 20.41
C ARG A 60 -1.82 -11.39 20.41
N LYS A 61 -1.21 -10.46 19.67
CA LYS A 61 -1.63 -9.06 19.73
C LYS A 61 -2.37 -8.58 18.48
N GLN A 62 -3.17 -9.44 17.89
CA GLN A 62 -3.81 -9.06 16.66
C GLN A 62 -5.29 -9.05 16.78
N GLN A 63 -5.93 -8.29 15.92
CA GLN A 63 -7.35 -8.42 15.72
C GLN A 63 -7.46 -9.11 14.40
N ARG A 64 -8.14 -10.22 14.34
CA ARG A 64 -8.17 -11.03 13.14
C ARG A 64 -6.81 -11.51 12.66
N ARG A 65 -6.17 -12.51 13.28
CA ARG A 65 -4.83 -13.02 12.80
C ARG A 65 -4.71 -13.82 11.46
N GLU A 66 -5.71 -14.65 11.23
CA GLU A 66 -5.84 -15.37 9.98
C GLU A 66 -5.61 -14.45 8.81
N LEU A 67 -5.74 -13.17 9.05
CA LEU A 67 -5.24 -12.15 8.20
C LEU A 67 -3.78 -12.33 8.07
N LEU A 68 -3.09 -12.51 9.18
CA LEU A 68 -1.64 -12.64 9.15
C LEU A 68 -1.25 -13.67 8.14
N PHE A 69 -2.18 -14.54 7.83
CA PHE A 69 -1.88 -15.56 6.80
C PHE A 69 -1.60 -15.13 5.34
N ASN A 70 -2.08 -13.97 4.98
CA ASN A 70 -2.30 -13.41 3.65
C ASN A 70 -1.03 -13.05 2.88
N GLU A 71 -0.24 -12.11 3.40
CA GLU A 71 1.00 -11.76 2.72
C GLU A 71 1.88 -12.99 2.54
N VAL A 72 2.21 -13.67 3.64
CA VAL A 72 3.09 -14.85 3.55
C VAL A 72 2.67 -15.92 2.53
N VAL A 73 1.37 -16.22 2.47
CA VAL A 73 0.85 -17.20 1.51
C VAL A 73 0.65 -16.60 0.11
N ILE A 74 -0.04 -15.47 0.02
CA ILE A 74 -0.30 -14.87 -1.26
C ILE A 74 0.97 -14.36 -1.92
N MET A 75 1.76 -13.61 -1.16
CA MET A 75 2.75 -12.76 -1.76
C MET A 75 4.18 -13.29 -1.71
N ARG A 76 4.34 -14.56 -1.29
CA ARG A 76 5.64 -15.20 -1.39
C ARG A 76 5.88 -15.43 -2.87
N ASP A 77 7.16 -15.38 -3.25
CA ASP A 77 7.61 -15.57 -4.64
C ASP A 77 7.01 -14.60 -5.66
N TYR A 78 6.37 -13.55 -5.18
CA TYR A 78 5.83 -12.57 -6.08
C TYR A 78 6.92 -11.56 -6.41
N GLN A 79 6.95 -11.10 -7.65
CA GLN A 79 7.97 -10.17 -8.09
C GLN A 79 7.44 -9.10 -9.03
N HIS A 80 7.91 -7.87 -8.86
CA HIS A 80 7.61 -6.76 -9.77
C HIS A 80 8.54 -5.56 -9.56
N GLU A 81 8.88 -4.89 -10.66
CA GLU A 81 9.58 -3.60 -10.62
C GLU A 81 8.99 -2.71 -9.53
N ASN A 82 7.70 -2.84 -9.32
CA ASN A 82 6.95 -1.87 -8.53
C ASN A 82 6.41 -2.43 -7.23
N VAL A 83 6.84 -3.64 -6.88
CA VAL A 83 6.48 -4.19 -5.59
C VAL A 83 7.73 -4.43 -4.74
N VAL A 84 7.62 -4.11 -3.45
CA VAL A 84 8.67 -4.41 -2.49
C VAL A 84 8.71 -5.91 -2.30
N GLU A 85 9.89 -6.48 -2.54
CA GLU A 85 10.07 -7.94 -2.57
C GLU A 85 10.21 -8.63 -1.22
N MET A 86 9.50 -9.73 -1.05
CA MET A 86 9.63 -10.55 0.15
C MET A 86 10.71 -11.58 -0.07
N TYR A 87 11.56 -11.73 0.94
CA TYR A 87 12.68 -12.65 0.88
C TYR A 87 12.33 -13.98 1.57
N ASN A 88 11.90 -13.90 2.82
CA ASN A 88 11.50 -15.08 3.57
C ASN A 88 10.58 -14.60 4.65
N SER A 89 10.10 -15.55 5.45
CA SER A 89 9.32 -15.27 6.63
C SER A 89 9.59 -16.38 7.63
N TYR A 90 9.37 -16.11 8.90
CA TYR A 90 9.80 -17.01 9.96
C TYR A 90 8.86 -16.77 11.11
N LEU A 91 8.92 -17.64 12.10
CA LEU A 91 8.39 -17.30 13.41
C LEU A 91 9.54 -17.13 14.36
N VAL A 92 9.54 -16.02 15.09
CA VAL A 92 10.52 -15.78 16.15
C VAL A 92 9.79 -15.66 17.48
N GLY A 93 9.81 -16.75 18.24
CA GLY A 93 9.06 -16.86 19.48
C GLY A 93 7.58 -16.75 19.21
N ASP A 94 6.99 -15.62 19.61
CA ASP A 94 5.57 -15.34 19.40
C ASP A 94 5.31 -14.30 18.32
N GLU A 95 6.27 -14.15 17.42
CA GLU A 95 6.16 -13.12 16.40
C GLU A 95 6.26 -13.70 15.01
N LEU A 96 5.62 -13.04 14.06
CA LEU A 96 5.85 -13.33 12.65
C LEU A 96 6.83 -12.31 12.07
N TRP A 97 7.93 -12.80 11.48
CA TRP A 97 8.91 -11.92 10.91
C TRP A 97 8.91 -12.11 9.43
N VAL A 98 8.77 -11.01 8.70
CA VAL A 98 8.77 -11.02 7.25
C VAL A 98 9.97 -10.20 6.78
N VAL A 99 10.92 -10.87 6.15
CA VAL A 99 12.15 -10.22 5.79
C VAL A 99 12.05 -9.73 4.36
N MET A 100 12.25 -8.43 4.17
CA MET A 100 12.00 -7.81 2.88
C MET A 100 13.12 -6.92 2.41
N GLU A 101 13.12 -6.71 1.09
CA GLU A 101 13.93 -5.73 0.42
C GLU A 101 13.87 -4.40 1.16
N PHE A 102 15.01 -3.74 1.35
CA PHE A 102 15.01 -2.43 2.03
C PHE A 102 14.95 -1.24 1.08
N LEU A 103 14.09 -0.27 1.38
CA LEU A 103 14.00 0.90 0.49
C LEU A 103 14.55 2.18 1.12
N GLU A 104 15.65 2.64 0.56
CA GLU A 104 16.35 3.83 1.01
C GLU A 104 15.44 5.08 1.01
N GLY A 105 14.87 5.41 -0.15
CA GLY A 105 14.00 6.58 -0.29
C GLY A 105 12.94 6.80 0.78
N GLY A 106 12.53 5.73 1.44
CA GLY A 106 11.44 5.84 2.42
C GLY A 106 10.06 5.97 1.77
N ALA A 107 9.11 6.48 2.57
CA ALA A 107 7.69 6.55 2.20
C ALA A 107 7.30 7.84 1.51
N LEU A 108 6.22 7.76 0.76
CA LEU A 108 5.67 8.89 0.04
C LEU A 108 5.03 9.89 1.00
N THR A 109 4.43 9.37 2.08
CA THR A 109 3.91 10.20 3.15
C THR A 109 4.79 11.40 3.49
N ASP A 110 6.09 11.17 3.58
CA ASP A 110 7.00 12.23 3.98
C ASP A 110 7.06 13.33 2.94
N ILE A 111 6.78 12.97 1.70
CA ILE A 111 6.81 13.92 0.60
C ILE A 111 5.50 14.69 0.55
N VAL A 112 4.37 13.99 0.47
CA VAL A 112 3.06 14.63 0.41
C VAL A 112 2.76 15.56 1.60
N THR A 113 3.46 15.35 2.71
CA THR A 113 3.25 16.18 3.89
C THR A 113 4.29 17.30 4.03
N HIS A 114 5.06 17.57 2.99
CA HIS A 114 6.15 18.53 3.13
C HIS A 114 6.42 19.37 1.90
N THR A 115 5.98 18.89 0.73
CA THR A 115 6.15 19.66 -0.51
C THR A 115 4.91 19.64 -1.38
N ARG A 116 5.02 20.18 -2.60
CA ARG A 116 3.89 20.19 -3.49
C ARG A 116 4.31 19.44 -4.75
N MET A 117 3.96 18.16 -4.80
CA MET A 117 4.30 17.36 -5.96
C MET A 117 3.62 18.02 -7.14
N ASN A 118 4.40 18.29 -8.19
CA ASN A 118 3.81 18.78 -9.43
C ASN A 118 3.21 17.63 -10.24
N GLU A 119 2.63 17.98 -11.39
CA GLU A 119 1.80 17.02 -12.16
C GLU A 119 2.61 15.85 -12.69
N GLU A 120 3.74 16.16 -13.33
CA GLU A 120 4.68 15.18 -13.84
C GLU A 120 5.03 14.11 -12.78
N GLN A 121 5.46 14.57 -11.61
CA GLN A 121 5.75 13.68 -10.47
C GLN A 121 4.54 12.87 -10.06
N ILE A 122 3.40 13.51 -9.89
CA ILE A 122 2.22 12.76 -9.49
C ILE A 122 1.91 11.64 -10.48
N ALA A 123 1.95 11.96 -11.78
CA ALA A 123 1.67 10.95 -12.79
C ALA A 123 2.65 9.76 -12.67
N ALA A 124 3.94 10.05 -12.58
CA ALA A 124 4.99 9.05 -12.34
C ALA A 124 4.72 8.14 -11.12
N VAL A 125 4.21 8.69 -10.01
CA VAL A 125 3.77 7.83 -8.92
C VAL A 125 2.61 6.97 -9.37
N CYS A 126 1.65 7.57 -10.07
CA CYS A 126 0.44 6.85 -10.41
C CYS A 126 0.69 5.73 -11.41
N LEU A 127 1.50 5.99 -12.42
CA LEU A 127 1.84 4.96 -13.38
C LEU A 127 2.48 3.79 -12.63
N ALA A 128 3.48 4.09 -11.79
CA ALA A 128 4.18 3.04 -11.04
C ALA A 128 3.19 2.22 -10.26
N VAL A 129 2.42 2.86 -9.38
CA VAL A 129 1.31 2.18 -8.71
C VAL A 129 0.37 1.40 -9.68
N LEU A 130 -0.02 2.00 -10.79
CA LEU A 130 -1.00 1.32 -11.66
C LEU A 130 -0.43 0.13 -12.41
N GLN A 131 0.80 0.23 -12.90
CA GLN A 131 1.47 -0.93 -13.48
C GLN A 131 1.34 -2.11 -12.50
N ALA A 132 1.95 -1.93 -11.32
CA ALA A 132 1.83 -2.87 -10.20
C ALA A 132 0.43 -3.45 -10.01
N LEU A 133 -0.57 -2.59 -10.07
CA LEU A 133 -1.93 -2.97 -9.72
C LEU A 133 -2.67 -3.77 -10.80
N SER A 134 -2.30 -3.55 -12.07
CA SER A 134 -2.87 -4.38 -13.12
C SER A 134 -2.52 -5.83 -12.79
N VAL A 135 -1.23 -6.12 -12.68
CA VAL A 135 -0.78 -7.49 -12.50
C VAL A 135 -1.33 -8.11 -11.22
N LEU A 136 -1.40 -7.32 -10.15
CA LEU A 136 -1.94 -7.79 -8.87
C LEU A 136 -3.40 -8.24 -8.96
N HIS A 137 -4.23 -7.39 -9.57
CA HIS A 137 -5.65 -7.66 -9.73
C HIS A 137 -5.84 -8.78 -10.75
N ALA A 138 -5.06 -8.72 -11.83
CA ALA A 138 -5.08 -9.81 -12.80
C ALA A 138 -5.11 -11.16 -12.05
N GLN A 139 -4.22 -11.33 -11.07
CA GLN A 139 -4.10 -12.51 -10.22
C GLN A 139 -5.17 -12.61 -9.12
N GLY A 140 -6.14 -11.70 -9.13
CA GLY A 140 -7.15 -11.63 -8.07
C GLY A 140 -6.60 -11.27 -6.70
N VAL A 141 -5.59 -10.38 -6.66
CA VAL A 141 -5.05 -9.90 -5.39
C VAL A 141 -5.49 -8.46 -5.09
N ILE A 142 -5.99 -8.23 -3.88
CA ILE A 142 -6.41 -6.90 -3.46
C ILE A 142 -5.59 -6.41 -2.28
N HIS A 143 -4.86 -5.31 -2.51
CA HIS A 143 -3.93 -4.77 -1.53
C HIS A 143 -4.62 -4.31 -0.23
N ARG A 144 -5.74 -3.62 -0.44
CA ARG A 144 -6.67 -3.20 0.60
C ARG A 144 -6.16 -2.19 1.60
N ASP A 145 -4.90 -1.78 1.49
CA ASP A 145 -4.45 -0.65 2.26
C ASP A 145 -3.51 0.20 1.42
N ILE A 146 -4.08 0.81 0.37
CA ILE A 146 -3.37 1.80 -0.46
C ILE A 146 -3.48 3.19 0.14
N LYS A 147 -2.36 3.90 0.09
CA LYS A 147 -2.22 5.24 0.59
C LYS A 147 -0.75 5.57 0.44
N SER A 148 -0.40 6.85 0.61
CA SER A 148 0.98 7.28 0.47
C SER A 148 1.87 6.49 1.41
N ASP A 149 1.33 6.05 2.54
CA ASP A 149 2.11 5.27 3.50
C ASP A 149 2.69 4.01 2.87
N SER A 150 1.92 3.42 1.96
CA SER A 150 2.22 2.13 1.36
C SER A 150 3.11 2.29 0.16
N ILE A 151 3.50 3.53 -0.17
CA ILE A 151 4.39 3.73 -1.31
C ILE A 151 5.79 4.07 -0.90
N LEU A 152 6.75 3.22 -1.26
CA LEU A 152 8.14 3.31 -0.85
C LEU A 152 9.03 3.65 -2.02
N LEU A 153 10.11 4.39 -1.75
CA LEU A 153 10.97 4.91 -2.81
C LEU A 153 12.41 4.42 -2.72
N THR A 154 13.15 4.44 -3.82
CA THR A 154 14.57 4.11 -3.82
C THR A 154 15.38 5.40 -3.84
N HIS A 155 16.69 5.31 -3.67
CA HIS A 155 17.53 6.50 -3.59
C HIS A 155 17.44 7.32 -4.88
N ASP A 156 17.06 6.67 -5.98
CA ASP A 156 17.10 7.31 -7.30
C ASP A 156 15.72 7.64 -7.85
N GLY A 157 14.69 7.38 -7.06
CA GLY A 157 13.35 7.85 -7.40
C GLY A 157 12.35 6.82 -7.85
N ARG A 158 12.73 5.54 -7.79
CA ARG A 158 11.83 4.45 -8.20
C ARG A 158 10.78 4.16 -7.14
N VAL A 159 9.60 3.75 -7.60
CA VAL A 159 8.42 3.63 -6.73
C VAL A 159 7.99 2.18 -6.59
N LYS A 160 7.81 1.74 -5.36
CA LYS A 160 7.40 0.38 -5.12
C LYS A 160 6.33 0.35 -4.06
N LEU A 161 5.43 -0.61 -4.17
CA LEU A 161 4.27 -0.69 -3.33
C LEU A 161 4.52 -1.68 -2.18
N SER A 162 4.23 -1.27 -0.95
CA SER A 162 4.50 -2.08 0.23
C SER A 162 3.25 -2.29 1.07
N ASP A 163 3.41 -2.81 2.30
CA ASP A 163 2.32 -2.98 3.27
C ASP A 163 1.17 -3.87 2.83
N PHE A 164 1.48 -5.10 2.41
CA PHE A 164 0.44 -6.02 1.97
C PHE A 164 -0.18 -6.80 3.12
N GLY A 165 0.17 -6.43 4.35
CA GLY A 165 -0.32 -7.13 5.54
C GLY A 165 -1.82 -7.33 5.54
N PHE A 166 -2.57 -6.42 4.89
CA PHE A 166 -4.02 -6.48 4.84
C PHE A 166 -4.51 -6.84 3.46
N CYS A 167 -3.76 -7.64 2.71
CA CYS A 167 -4.20 -7.97 1.37
C CYS A 167 -5.13 -9.17 1.37
N ALA A 168 -5.77 -9.40 0.21
CA ALA A 168 -6.83 -10.38 0.08
C ALA A 168 -6.70 -11.14 -1.23
N GLN A 169 -7.23 -12.36 -1.24
CA GLN A 169 -7.28 -13.17 -2.44
C GLN A 169 -8.75 -13.34 -2.89
N VAL A 170 -9.00 -13.19 -4.19
CA VAL A 170 -10.29 -13.57 -4.73
C VAL A 170 -10.06 -14.52 -5.90
N SER A 171 -11.12 -15.24 -6.27
CA SER A 171 -11.03 -16.33 -7.23
C SER A 171 -12.33 -16.44 -8.00
N LYS A 172 -12.45 -17.53 -8.77
CA LYS A 172 -13.67 -17.84 -9.52
C LYS A 172 -14.77 -18.28 -8.56
N GLU A 173 -14.36 -18.94 -7.46
CA GLU A 173 -15.28 -19.53 -6.47
C GLU A 173 -15.53 -18.63 -5.25
N VAL A 174 -14.51 -17.91 -4.80
CA VAL A 174 -14.70 -16.80 -3.83
C VAL A 174 -14.48 -15.50 -4.62
N PRO A 175 -15.56 -14.96 -5.21
CA PRO A 175 -15.40 -13.83 -6.12
C PRO A 175 -15.10 -12.47 -5.46
N ARG A 176 -15.89 -12.07 -4.46
CA ARG A 176 -15.64 -10.79 -3.76
C ARG A 176 -15.30 -11.04 -2.28
N ARG A 177 -14.98 -9.98 -1.52
CA ARG A 177 -14.68 -10.10 -0.08
C ARG A 177 -15.67 -9.34 0.78
N LYS A 178 -15.59 -9.49 2.10
CA LYS A 178 -16.65 -8.97 2.98
C LYS A 178 -16.16 -8.24 4.22
N LEU A 180 -14.08 -5.75 6.86
CA LEU A 180 -13.62 -4.39 7.02
C LEU A 180 -12.13 -4.38 7.35
N VAL A 181 -11.31 -4.25 6.32
CA VAL A 181 -9.91 -3.88 6.54
C VAL A 181 -9.60 -2.62 5.73
N GLY A 182 -8.35 -2.22 5.73
CA GLY A 182 -8.00 -1.04 5.02
C GLY A 182 -7.98 0.04 6.03
N THR A 183 -7.72 1.26 5.62
CA THR A 183 -7.54 2.35 6.56
C THR A 183 -8.58 3.40 6.33
N PRO A 184 -9.18 3.91 7.39
CA PRO A 184 -10.50 4.48 7.28
C PRO A 184 -10.64 5.60 6.30
N TYR A 185 -9.77 6.59 6.33
CA TYR A 185 -9.92 7.72 5.44
C TYR A 185 -9.84 7.30 4.00
N TRP A 186 -9.03 6.29 3.75
CA TRP A 186 -8.81 5.84 2.40
C TRP A 186 -9.70 4.70 1.98
N MET A 187 -10.55 4.19 2.87
CA MET A 187 -11.47 3.08 2.48
C MET A 187 -12.50 3.50 1.43
N ALA A 188 -13.10 2.50 0.79
CA ALA A 188 -14.04 2.76 -0.29
C ALA A 188 -15.47 2.77 0.28
N PRO A 189 -16.42 3.42 -0.42
CA PRO A 189 -17.82 3.41 0.01
C PRO A 189 -18.33 1.99 0.24
N GLU A 190 -18.43 1.20 -0.82
CA GLU A 190 -18.99 -0.14 -0.71
C GLU A 190 -18.40 -0.87 0.49
N LEU A 191 -17.08 -0.80 0.61
CA LEU A 191 -16.39 -1.50 1.67
C LEU A 191 -16.92 -1.06 3.05
N ILE A 192 -17.16 0.24 3.21
CA ILE A 192 -17.74 0.82 4.44
C ILE A 192 -19.16 0.26 4.63
N SER A 193 -19.96 0.38 3.57
CA SER A 193 -21.35 -0.06 3.53
C SER A 193 -21.49 -1.58 3.56
N ARG A 194 -20.39 -2.26 3.85
CA ARG A 194 -20.40 -3.68 4.12
C ARG A 194 -20.85 -4.49 2.94
N LEU A 195 -20.60 -4.00 1.75
CA LEU A 195 -20.95 -4.74 0.56
C LEU A 195 -19.92 -5.78 0.26
N PRO A 196 -20.32 -6.76 -0.63
CA PRO A 196 -19.20 -7.53 -1.18
C PRO A 196 -18.39 -6.59 -2.00
N TYR A 197 -17.06 -6.72 -2.02
CA TYR A 197 -16.22 -5.86 -2.83
C TYR A 197 -15.14 -6.58 -3.62
N GLY A 198 -14.74 -6.02 -4.75
CA GLY A 198 -13.64 -6.55 -5.53
C GLY A 198 -12.33 -5.80 -5.40
N PRO A 199 -11.46 -5.99 -6.49
CA PRO A 199 -10.24 -5.19 -6.41
C PRO A 199 -10.51 -3.69 -6.42
N GLU A 200 -11.62 -3.34 -7.01
CA GLU A 200 -11.89 -2.00 -7.43
C GLU A 200 -11.83 -1.09 -6.25
N VAL A 201 -11.87 -1.64 -5.06
CA VAL A 201 -11.75 -0.85 -3.86
C VAL A 201 -10.40 -0.16 -3.83
N ASP A 202 -9.40 -0.80 -4.39
CA ASP A 202 -8.01 -0.29 -4.37
C ASP A 202 -7.98 1.00 -5.17
N ILE A 203 -8.69 0.98 -6.30
CA ILE A 203 -8.77 2.12 -7.20
C ILE A 203 -9.29 3.38 -6.51
N TRP A 204 -10.33 3.22 -5.68
CA TRP A 204 -10.86 4.34 -4.89
C TRP A 204 -9.78 4.86 -3.95
N SER A 205 -9.29 3.97 -3.11
CA SER A 205 -8.19 4.29 -2.22
C SER A 205 -7.06 5.06 -2.94
N LEU A 206 -6.72 4.64 -4.18
CA LEU A 206 -5.73 5.36 -4.99
C LEU A 206 -6.09 6.85 -5.15
N GLY A 207 -7.35 7.10 -5.53
CA GLY A 207 -7.89 8.45 -5.67
C GLY A 207 -7.64 9.26 -4.40
N ILE A 208 -7.97 8.68 -3.25
CA ILE A 208 -7.68 9.37 -2.00
C ILE A 208 -6.18 9.67 -1.91
N MET A 209 -5.34 8.82 -2.51
CA MET A 209 -3.92 9.08 -2.50
C MET A 209 -3.60 10.32 -3.33
N VAL A 210 -4.31 10.50 -4.43
CA VAL A 210 -4.13 11.69 -5.27
C VAL A 210 -4.48 12.99 -4.51
N ILE A 211 -5.56 12.93 -3.72
CA ILE A 211 -5.91 14.04 -2.85
C ILE A 211 -4.76 14.27 -1.88
N GLU A 212 -4.29 13.20 -1.25
CA GLU A 212 -3.04 13.27 -0.51
C GLU A 212 -1.99 14.05 -1.31
N MET A 213 -1.66 13.55 -2.50
CA MET A 213 -0.64 14.19 -3.32
C MET A 213 -1.01 15.61 -3.68
N VAL A 214 -2.26 15.86 -4.03
CA VAL A 214 -2.66 17.23 -4.38
C VAL A 214 -2.87 18.18 -3.18
N ASP A 215 -3.77 17.84 -2.26
CA ASP A 215 -4.10 18.68 -1.10
C ASP A 215 -3.40 18.32 0.22
N GLY A 216 -2.41 17.43 0.17
CA GLY A 216 -1.57 17.14 1.35
C GLY A 216 -2.13 16.29 2.49
N GLU A 217 -3.34 15.77 2.31
CA GLU A 217 -4.00 14.90 3.28
C GLU A 217 -5.34 14.41 2.69
N PRO A 218 -5.84 13.25 3.15
CA PRO A 218 -7.10 12.73 2.61
C PRO A 218 -8.33 13.49 3.12
N PRO A 219 -9.46 13.36 2.41
CA PRO A 219 -10.73 13.91 2.85
C PRO A 219 -11.15 13.48 4.25
N TYR A 220 -11.77 14.42 4.95
CA TYR A 220 -12.34 14.24 6.28
C TYR A 220 -11.31 13.96 7.38
N PHE A 221 -10.05 14.30 7.11
CA PHE A 221 -8.91 13.90 7.96
C PHE A 221 -9.00 14.30 9.45
N ASN A 222 -9.27 15.57 9.73
CA ASN A 222 -9.33 16.05 11.11
C ASN A 222 -10.55 15.59 11.92
N GLU A 223 -11.24 14.58 11.39
CA GLU A 223 -12.37 13.98 12.07
C GLU A 223 -11.90 12.83 12.95
N PRO A 224 -12.79 12.40 13.87
CA PRO A 224 -12.62 11.09 14.48
C PRO A 224 -12.78 10.01 13.42
N PRO A 225 -11.87 9.01 13.40
CA PRO A 225 -11.87 7.89 12.46
C PRO A 225 -13.26 7.27 12.25
N LEU A 226 -14.02 7.14 13.34
CA LEU A 226 -15.35 6.53 13.34
C LEU A 226 -16.37 7.31 12.51
N LYS A 227 -16.33 8.64 12.67
CA LYS A 227 -17.25 9.56 11.99
C LYS A 227 -16.85 9.79 10.53
N ALA A 228 -15.55 9.80 10.28
CA ALA A 228 -15.04 9.91 8.92
C ALA A 228 -15.68 8.84 8.04
N MET A 229 -15.69 7.61 8.53
CA MET A 229 -16.27 6.49 7.81
C MET A 229 -17.73 6.74 7.54
N LYS A 230 -18.46 7.14 8.59
CA LYS A 230 -19.85 7.58 8.47
C LYS A 230 -19.97 8.57 7.30
N MET A 231 -19.13 9.62 7.29
CA MET A 231 -19.13 10.61 6.21
C MET A 231 -18.78 10.00 4.83
N ILE A 232 -17.65 9.27 4.77
CA ILE A 232 -17.18 8.61 3.54
C ILE A 232 -18.30 7.79 2.92
N ARG A 233 -18.99 7.02 3.76
CA ARG A 233 -20.16 6.25 3.36
C ARG A 233 -21.23 7.13 2.71
N ASP A 234 -21.59 8.22 3.40
CA ASP A 234 -22.88 8.90 3.14
C ASP A 234 -22.94 9.97 2.05
N ASN A 235 -21.89 10.78 1.98
CA ASN A 235 -21.89 11.94 1.09
C ASN A 235 -21.54 11.58 -0.37
N LEU A 236 -21.41 12.62 -1.19
CA LEU A 236 -20.98 12.49 -2.60
C LEU A 236 -19.45 12.23 -2.72
N PRO A 237 -18.98 11.78 -3.90
CA PRO A 237 -17.53 11.63 -4.05
C PRO A 237 -16.85 12.95 -3.68
N PRO A 238 -15.89 12.95 -2.71
CA PRO A 238 -15.17 14.20 -2.42
C PRO A 238 -14.34 14.67 -3.60
N ARG A 239 -14.27 15.97 -3.80
CA ARG A 239 -13.41 16.57 -4.84
C ARG A 239 -12.39 17.52 -4.19
N LEU A 240 -11.47 18.04 -5.00
CA LEU A 240 -10.28 18.69 -4.48
C LEU A 240 -10.56 20.01 -3.75
N LYS A 241 -9.74 20.33 -2.75
CA LYS A 241 -9.82 21.63 -2.08
C LYS A 241 -9.42 22.74 -3.03
N ASN A 242 -8.42 22.47 -3.87
CA ASN A 242 -7.92 23.45 -4.83
C ASN A 242 -7.99 22.91 -6.24
N LEU A 243 -9.16 23.07 -6.85
CA LEU A 243 -9.43 22.53 -8.17
C LEU A 243 -8.69 23.34 -9.22
N HIS A 244 -8.82 24.67 -9.14
CA HIS A 244 -8.09 25.60 -10.01
C HIS A 244 -6.59 25.30 -10.22
N LYS A 245 -6.03 24.39 -9.42
CA LYS A 245 -4.61 24.04 -9.45
C LYS A 245 -4.27 22.77 -10.24
N VAL A 246 -5.28 22.04 -10.69
CA VAL A 246 -4.98 20.79 -11.42
C VAL A 246 -5.41 20.88 -12.86
N SER A 247 -4.65 20.23 -13.75
CA SER A 247 -4.93 20.22 -15.20
C SER A 247 -6.28 19.57 -15.43
N PRO A 248 -6.93 19.87 -16.58
CA PRO A 248 -8.12 19.07 -16.92
C PRO A 248 -7.76 17.57 -17.06
N SER A 249 -6.60 17.30 -17.67
CA SER A 249 -6.00 15.96 -17.71
C SER A 249 -6.11 15.24 -16.36
N LEU A 250 -5.61 15.87 -15.30
CA LEU A 250 -5.65 15.29 -13.96
C LEU A 250 -7.08 15.10 -13.46
N LYS A 251 -7.96 16.08 -13.67
CA LYS A 251 -9.37 15.98 -13.25
C LYS A 251 -9.98 14.70 -13.78
N GLY A 252 -10.19 14.65 -15.10
CA GLY A 252 -10.90 13.55 -15.75
C GLY A 252 -10.43 12.21 -15.22
N PHE A 253 -9.11 12.11 -15.10
CA PHE A 253 -8.41 10.98 -14.49
C PHE A 253 -8.92 10.67 -13.10
N LEU A 254 -8.78 11.61 -12.17
CA LEU A 254 -9.32 11.46 -10.82
C LEU A 254 -10.82 11.07 -10.82
N ASP A 255 -11.56 11.68 -11.74
CA ASP A 255 -13.00 11.44 -11.88
C ASP A 255 -13.30 10.03 -12.39
N ARG A 256 -12.27 9.31 -12.84
CA ARG A 256 -12.35 7.88 -13.15
C ARG A 256 -12.07 7.03 -11.90
N LEU A 257 -11.39 7.62 -10.92
CA LEU A 257 -11.05 6.90 -9.70
C LEU A 257 -12.11 7.10 -8.65
N LEU A 258 -12.54 8.34 -8.44
CA LEU A 258 -13.49 8.62 -7.37
C LEU A 258 -14.97 8.51 -7.83
N VAL A 259 -15.39 7.25 -8.03
CA VAL A 259 -16.70 6.88 -8.59
C VAL A 259 -17.42 5.99 -7.57
N ARG A 260 -18.51 6.49 -6.97
CA ARG A 260 -19.24 5.79 -5.89
C ARG A 260 -19.78 4.40 -6.28
N ASP A 261 -20.28 4.33 -7.51
CA ASP A 261 -20.76 3.10 -8.11
C ASP A 261 -19.57 2.31 -8.66
N PRO A 262 -19.17 1.23 -7.97
CA PRO A 262 -17.92 0.50 -8.27
C PRO A 262 -17.89 -0.16 -9.66
N ALA A 263 -19.06 -0.36 -10.26
CA ALA A 263 -19.18 -1.04 -11.55
C ALA A 263 -18.79 -0.12 -12.69
N GLN A 264 -18.71 1.17 -12.39
CA GLN A 264 -18.36 2.22 -13.36
C GLN A 264 -16.98 2.82 -13.09
N ARG A 265 -16.54 2.73 -11.83
CA ARG A 265 -15.17 3.02 -11.40
C ARG A 265 -14.14 2.24 -12.24
N ALA A 266 -13.16 2.95 -12.78
CA ALA A 266 -12.27 2.38 -13.80
C ALA A 266 -11.40 1.25 -13.26
N THR A 267 -11.03 0.34 -14.15
CA THR A 267 -10.09 -0.72 -13.82
C THR A 267 -8.70 -0.16 -14.06
N ALA A 268 -7.73 -0.66 -13.29
CA ALA A 268 -6.32 -0.29 -13.46
C ALA A 268 -5.91 -0.49 -14.91
N ALA A 269 -6.23 -1.69 -15.42
CA ALA A 269 -6.13 -2.02 -16.84
C ALA A 269 -6.44 -0.83 -17.76
N GLU A 270 -7.64 -0.24 -17.55
CA GLU A 270 -8.06 0.94 -18.31
C GLU A 270 -7.18 2.14 -17.97
N LEU A 271 -7.04 2.44 -16.67
CA LEU A 271 -6.24 3.58 -16.18
C LEU A 271 -4.80 3.62 -16.72
N LEU A 272 -4.26 2.46 -17.08
CA LEU A 272 -2.93 2.37 -17.66
C LEU A 272 -2.84 3.04 -19.02
N LYS A 273 -3.97 3.58 -19.48
CA LYS A 273 -4.03 4.14 -20.84
C LYS A 273 -4.45 5.59 -20.85
N HIS A 274 -5.12 6.02 -19.79
CA HIS A 274 -5.61 7.41 -19.63
C HIS A 274 -4.54 8.45 -19.95
N PRO A 275 -4.85 9.37 -20.90
CA PRO A 275 -3.92 10.38 -21.39
C PRO A 275 -3.05 11.00 -20.27
N PHE A 276 -3.63 11.22 -19.12
CA PHE A 276 -2.88 11.81 -18.03
C PHE A 276 -1.51 11.21 -17.81
N LEU A 277 -1.47 9.90 -17.68
CA LEU A 277 -0.26 9.19 -17.28
C LEU A 277 0.87 9.41 -18.24
N ALA A 278 0.55 9.99 -19.37
CA ALA A 278 1.56 10.24 -20.35
C ALA A 278 2.52 11.27 -19.82
N LYS A 279 2.09 11.99 -18.79
CA LYS A 279 2.85 13.08 -18.25
C LYS A 279 3.94 12.59 -17.37
N ALA A 280 3.87 11.33 -16.97
CA ALA A 280 4.82 10.80 -16.02
C ALA A 280 6.24 11.09 -16.45
N GLY A 281 7.11 11.31 -15.47
CA GLY A 281 8.49 11.65 -15.75
C GLY A 281 9.39 10.66 -15.08
N PRO A 282 10.64 10.62 -15.48
CA PRO A 282 11.54 9.56 -15.00
C PRO A 282 11.64 9.49 -13.48
N PRO A 283 11.96 8.30 -12.93
CA PRO A 283 12.33 8.15 -11.54
C PRO A 283 13.18 9.30 -11.00
N ALA A 284 14.13 9.80 -11.79
CA ALA A 284 15.00 10.88 -11.33
C ALA A 284 14.29 12.22 -11.13
N SER A 285 13.11 12.38 -11.70
CA SER A 285 12.34 13.60 -11.47
C SER A 285 11.70 13.66 -10.08
N ILE A 286 11.55 12.52 -9.38
CA ILE A 286 11.06 12.51 -7.98
C ILE A 286 12.14 12.84 -6.96
N VAL A 287 13.36 12.41 -7.27
CA VAL A 287 14.51 12.59 -6.41
C VAL A 287 14.51 13.87 -5.55
N PRO A 288 14.38 15.08 -6.16
CA PRO A 288 14.59 16.23 -5.27
C PRO A 288 13.50 16.42 -4.17
N LEU A 289 12.37 15.73 -4.30
CA LEU A 289 11.33 15.78 -3.27
C LEU A 289 11.72 15.12 -1.94
N MET A 290 12.70 14.21 -1.99
CA MET A 290 13.02 13.36 -0.85
C MET A 290 13.78 14.10 0.23
N ARG A 291 13.44 13.79 1.48
CA ARG A 291 13.96 14.48 2.66
C ARG A 291 15.41 14.91 2.52
N GLN A 292 16.30 13.97 2.24
CA GLN A 292 17.74 14.25 2.25
C GLN A 292 18.23 15.09 1.06
N ASN A 293 17.34 15.83 0.41
CA ASN A 293 17.69 16.71 -0.72
C ASN A 293 17.22 18.16 -0.59
N ARG A 294 15.98 18.33 -0.14
CA ARG A 294 15.29 19.64 -0.01
C ARG A 294 16.06 20.73 0.76
#